data_7XEL
#
_entry.id   7XEL
#
_cell.length_a   93.000
_cell.length_b   93.000
_cell.length_c   129.000
_cell.angle_alpha   90.000
_cell.angle_beta   90.000
_cell.angle_gamma   120.000
#
_symmetry.space_group_name_H-M   'P 31 2 1'
#
loop_
_entity.id
_entity.type
_entity.pdbx_description
1 polymer 'Cysteine desulfurase SufS'
2 non-polymer 1,2-ETHANEDIOL
3 non-polymer 'TRIETHYLENE GLYCOL'
4 non-polymer DI(HYDROXYETHYL)ETHER
5 water water
#
_entity_poly.entity_id   1
_entity_poly.type   'polypeptide(L)'
_entity_poly.pdbx_seq_one_letter_code
;MGHMNITDIREQFPILHQQVNGHDLVYLDSAATSQKPRAVIETLDKYYNQYNSNVHRGVHTLGTRATDGYEGAREKVRKF
INAKSMAEIIFTKGTTTSLNMVALSYARANLKPGDEVVITYMEHHANIIPWQQAVKATGATLKYIPLQEDGTISLEDVRE
TVTSNTKIVAVSHVSNVLGTVNPIKEMAKIAHDNGAVIVVDGAQSTPHMKIDVQDLDCDFFALSSH(LLP)MCGPTGVGV
LYGKKALLENMEPAEFGGEMIDFVGLYESTWKELPWKFEAGTPIIAGAIGLGAAIDFLEEIGLDEISRHEHKLAAYALER
FRQLDGVTVYGPEERAGLVTFNLDDVHPHDVATVLDAEGIAVRAGHHCAQPLMKWLDVTATARASFYLYNTEEEIDKLVE
ALQKTKEYFTNVFVDLEHHHHHH
;
_entity_poly.pdbx_strand_id   A
#
loop_
_chem_comp.id
_chem_comp.type
_chem_comp.name
_chem_comp.formula
EDO non-polymer 1,2-ETHANEDIOL 'C2 H6 O2'
PEG non-polymer DI(HYDROXYETHYL)ETHER 'C4 H10 O3'
PGE non-polymer 'TRIETHYLENE GLYCOL' 'C6 H14 O4'
#
# COMPACT_ATOMS: atom_id res chain seq x y z
N MET A 4 -21.00 -11.07 7.23
CA MET A 4 -20.47 -9.68 6.73
C MET A 4 -21.59 -8.92 6.01
N ASN A 5 -22.22 -7.97 6.71
CA ASN A 5 -23.37 -7.30 6.19
C ASN A 5 -22.99 -5.92 5.61
N ILE A 6 -23.17 -5.71 4.29
CA ILE A 6 -22.58 -4.48 3.73
C ILE A 6 -23.40 -3.26 4.13
N THR A 7 -24.73 -3.40 4.33
CA THR A 7 -25.50 -2.27 4.84
C THR A 7 -24.92 -1.81 6.20
N ASP A 8 -24.67 -2.74 7.11
CA ASP A 8 -24.26 -2.33 8.44
C ASP A 8 -22.83 -1.75 8.37
N ILE A 9 -21.96 -2.27 7.49
CA ILE A 9 -20.60 -1.71 7.35
C ILE A 9 -20.75 -0.31 6.78
N ARG A 10 -21.58 -0.07 5.74
CA ARG A 10 -21.58 1.27 5.10
C ARG A 10 -22.15 2.31 6.06
N GLU A 11 -23.03 1.85 6.99
CA GLU A 11 -23.61 2.77 7.95
C GLU A 11 -22.53 3.43 8.87
N GLN A 12 -21.37 2.78 9.04
CA GLN A 12 -20.29 3.31 9.87
C GLN A 12 -19.40 4.33 9.12
N PHE A 13 -19.57 4.61 7.82
CA PHE A 13 -18.72 5.51 7.02
C PHE A 13 -19.58 6.74 6.60
N PRO A 14 -19.54 7.83 7.40
CA PRO A 14 -20.41 8.99 7.18
C PRO A 14 -20.19 9.54 5.80
N ILE A 15 -18.95 9.44 5.26
CA ILE A 15 -18.72 10.17 3.99
C ILE A 15 -19.51 9.53 2.82
N LEU A 16 -19.94 8.27 2.95
CA LEU A 16 -20.56 7.63 1.77
C LEU A 16 -21.94 8.27 1.56
N HIS A 17 -22.49 8.93 2.61
CA HIS A 17 -23.94 9.27 2.58
C HIS A 17 -24.12 10.71 2.12
N GLN A 18 -23.86 10.98 0.84
CA GLN A 18 -24.00 12.35 0.36
C GLN A 18 -24.15 12.26 -1.15
N GLN A 19 -24.47 13.39 -1.78
CA GLN A 19 -24.63 13.40 -3.22
C GLN A 19 -23.53 14.28 -3.83
N VAL A 20 -23.15 13.94 -5.04
CA VAL A 20 -22.26 14.75 -5.86
C VAL A 20 -22.98 15.02 -7.20
N ASN A 21 -23.11 16.28 -7.59
CA ASN A 21 -23.73 16.63 -8.88
C ASN A 21 -25.16 16.09 -8.94
N GLY A 22 -25.82 16.09 -7.80
CA GLY A 22 -27.20 15.60 -7.79
C GLY A 22 -27.37 14.09 -7.79
N HIS A 23 -26.29 13.27 -7.63
CA HIS A 23 -26.49 11.82 -7.67
C HIS A 23 -25.82 11.23 -6.41
N ASP A 24 -26.35 10.14 -5.90
CA ASP A 24 -25.69 9.54 -4.74
C ASP A 24 -24.22 9.28 -5.12
N LEU A 25 -23.32 9.60 -4.20
CA LEU A 25 -21.90 9.31 -4.35
C LEU A 25 -21.71 7.82 -4.61
N VAL A 26 -20.81 7.52 -5.57
CA VAL A 26 -20.43 6.10 -5.76
C VAL A 26 -18.91 6.14 -5.74
N TYR A 27 -18.34 5.81 -4.58
CA TYR A 27 -16.90 6.02 -4.47
C TYR A 27 -16.12 4.75 -4.86
N LEU A 28 -15.43 4.78 -6.03
CA LEU A 28 -14.73 3.57 -6.52
C LEU A 28 -13.27 3.94 -6.74
N ASP A 29 -12.66 4.58 -5.71
CA ASP A 29 -11.27 5.02 -5.83
C ASP A 29 -10.50 4.70 -4.56
N SER A 30 -10.84 3.55 -3.91
CA SER A 30 -10.16 3.18 -2.66
C SER A 30 -8.71 2.74 -2.86
N ALA A 31 -8.33 2.36 -4.10
CA ALA A 31 -6.90 2.11 -4.37
C ALA A 31 -6.08 3.40 -4.33
N ALA A 32 -6.72 4.59 -4.56
CA ALA A 32 -5.99 5.87 -4.33
C ALA A 32 -6.01 6.21 -2.81
N THR A 33 -7.18 6.16 -2.16
CA THR A 33 -7.20 6.25 -0.72
C THR A 33 -8.53 5.71 -0.22
N SER A 34 -8.53 5.17 1.00
CA SER A 34 -9.79 4.58 1.46
C SER A 34 -10.56 5.60 2.35
N GLN A 35 -11.85 5.29 2.63
CA GLN A 35 -12.64 6.12 3.55
C GLN A 35 -12.58 5.51 4.95
N LYS A 36 -12.98 6.27 5.98
CA LYS A 36 -12.77 5.87 7.37
C LYS A 36 -14.09 5.66 8.06
N PRO A 37 -14.18 4.66 8.96
CA PRO A 37 -15.40 4.45 9.76
C PRO A 37 -15.36 5.34 10.98
N ARG A 38 -16.52 5.55 11.60
CA ARG A 38 -16.59 6.33 12.82
C ARG A 38 -15.64 5.77 13.88
N ALA A 39 -15.44 4.45 13.99
CA ALA A 39 -14.51 3.99 15.04
C ALA A 39 -13.12 4.66 14.95
N VAL A 40 -12.62 4.89 13.72
CA VAL A 40 -11.31 5.52 13.58
C VAL A 40 -11.42 7.01 13.84
N ILE A 41 -12.42 7.69 13.22
CA ILE A 41 -12.47 9.14 13.42
C ILE A 41 -12.67 9.49 14.89
N GLU A 42 -13.55 8.70 15.59
CA GLU A 42 -13.79 8.98 17.01
C GLU A 42 -12.56 8.57 17.86
N THR A 43 -11.68 7.71 17.31
CA THR A 43 -10.46 7.47 18.12
C THR A 43 -9.54 8.72 18.07
N LEU A 44 -9.42 9.37 16.90
CA LEU A 44 -8.65 10.62 16.90
C LEU A 44 -9.31 11.63 17.81
N ASP A 45 -10.67 11.77 17.70
CA ASP A 45 -11.33 12.75 18.57
C ASP A 45 -11.02 12.51 20.03
N LYS A 46 -11.15 11.23 20.45
CA LYS A 46 -10.98 10.96 21.88
C LYS A 46 -9.52 11.22 22.32
N TYR A 47 -8.55 10.98 21.40
CA TYR A 47 -7.18 11.31 21.72
C TYR A 47 -7.04 12.83 21.98
N TYR A 48 -7.44 13.66 20.98
CA TYR A 48 -7.24 15.12 21.15
C TYR A 48 -8.15 15.71 22.23
N ASN A 49 -9.34 15.10 22.46
CA ASN A 49 -10.28 15.59 23.51
C ASN A 49 -9.83 15.18 24.91
N GLN A 50 -9.08 14.08 25.08
CA GLN A 50 -8.92 13.54 26.40
C GLN A 50 -7.50 13.23 26.82
N TYR A 51 -6.60 12.80 25.93
CA TYR A 51 -5.31 12.35 26.51
C TYR A 51 -4.04 12.69 25.68
N ASN A 52 -4.17 13.65 24.74
CA ASN A 52 -2.98 14.14 24.02
C ASN A 52 -1.93 14.63 25.02
N SER A 53 -0.66 14.21 24.78
CA SER A 53 0.51 14.67 25.53
C SER A 53 1.71 14.08 24.77
N ASN A 54 2.92 14.49 25.13
CA ASN A 54 4.04 13.89 24.40
C ASN A 54 4.31 12.51 25.01
N VAL A 55 5.05 11.67 24.27
CA VAL A 55 5.11 10.25 24.65
C VAL A 55 6.51 9.93 25.17
N HIS A 56 6.63 8.85 25.94
CA HIS A 56 7.91 8.27 26.31
C HIS A 56 8.63 9.17 27.34
N ARG A 57 7.85 9.95 28.06
CA ARG A 57 8.33 10.47 29.35
C ARG A 57 7.62 9.74 30.50
N GLY A 58 6.26 9.66 30.45
CA GLY A 58 5.45 9.16 31.55
C GLY A 58 5.92 9.71 32.90
N VAL A 59 5.98 11.01 32.97
CA VAL A 59 6.10 11.49 34.30
C VAL A 59 4.71 11.98 34.74
N HIS A 60 3.83 12.30 33.78
CA HIS A 60 2.52 12.75 34.19
C HIS A 60 1.42 11.89 33.55
N THR A 61 0.21 12.02 34.11
CA THR A 61 -0.84 11.05 33.83
C THR A 61 -1.22 11.05 32.33
N LEU A 62 -1.49 12.23 31.75
CA LEU A 62 -1.85 12.19 30.32
C LEU A 62 -0.68 11.64 29.48
N GLY A 63 0.55 12.02 29.84
CA GLY A 63 1.71 11.51 29.13
C GLY A 63 1.72 9.98 29.10
N THR A 64 1.42 9.36 30.27
CA THR A 64 1.47 7.92 30.33
C THR A 64 0.38 7.35 29.43
N ARG A 65 -0.80 7.98 29.43
CA ARG A 65 -1.90 7.46 28.60
C ARG A 65 -1.61 7.58 27.10
N ALA A 66 -0.98 8.73 26.74
CA ALA A 66 -0.61 8.83 25.30
C ALA A 66 0.43 7.77 24.95
N THR A 67 1.45 7.62 25.81
CA THR A 67 2.47 6.59 25.55
C THR A 67 1.85 5.21 25.39
N ASP A 68 1.03 4.82 26.39
CA ASP A 68 0.43 3.50 26.27
C ASP A 68 -0.44 3.34 25.02
N GLY A 69 -1.15 4.41 24.60
CA GLY A 69 -1.89 4.38 23.33
C GLY A 69 -0.95 4.13 22.11
N TYR A 70 0.17 4.85 22.08
CA TYR A 70 1.06 4.81 20.91
C TYR A 70 1.76 3.44 20.89
N GLU A 71 2.36 3.02 22.02
CA GLU A 71 3.05 1.72 21.98
C GLU A 71 2.04 0.57 21.89
N GLY A 72 0.85 0.80 22.48
CA GLY A 72 -0.27 -0.14 22.27
C GLY A 72 -0.56 -0.37 20.78
N ALA A 73 -0.56 0.71 20.01
CA ALA A 73 -0.90 0.51 18.61
C ALA A 73 0.27 -0.21 17.90
N ARG A 74 1.50 0.04 18.32
CA ARG A 74 2.63 -0.73 17.78
C ARG A 74 2.40 -2.23 17.93
N GLU A 75 1.88 -2.63 19.11
CA GLU A 75 1.65 -4.07 19.32
C GLU A 75 0.52 -4.55 18.41
N LYS A 76 -0.53 -3.70 18.28
CA LYS A 76 -1.58 -4.11 17.36
C LYS A 76 -1.05 -4.35 15.95
N VAL A 77 -0.12 -3.50 15.50
CA VAL A 77 0.39 -3.75 14.12
C VAL A 77 1.24 -5.02 14.11
N ARG A 78 2.06 -5.21 15.16
CA ARG A 78 2.86 -6.47 15.20
C ARG A 78 1.96 -7.69 15.03
N LYS A 79 0.92 -7.73 15.85
CA LYS A 79 0.02 -8.90 15.77
C LYS A 79 -0.66 -9.00 14.41
N PHE A 80 -1.08 -7.85 13.84
CA PHE A 80 -1.82 -7.82 12.59
C PHE A 80 -1.01 -8.38 11.41
N ILE A 81 0.32 -8.14 11.36
CA ILE A 81 1.09 -8.72 10.24
C ILE A 81 1.91 -9.94 10.71
N ASN A 82 1.71 -10.37 11.97
CA ASN A 82 2.35 -11.59 12.54
C ASN A 82 3.87 -11.44 12.58
N ALA A 83 4.38 -10.23 12.88
CA ALA A 83 5.78 -10.03 13.15
C ALA A 83 6.14 -10.71 14.48
N LYS A 84 7.43 -11.11 14.65
CA LYS A 84 7.84 -11.70 15.95
C LYS A 84 7.92 -10.68 17.06
N SER A 85 8.33 -9.42 16.74
CA SER A 85 8.61 -8.49 17.80
C SER A 85 8.17 -7.05 17.40
N MET A 86 7.83 -6.27 18.41
CA MET A 86 7.61 -4.83 18.22
C MET A 86 8.90 -4.14 17.77
N ALA A 87 10.10 -4.71 18.08
CA ALA A 87 11.35 -4.11 17.58
C ALA A 87 11.38 -4.07 16.06
N GLU A 88 10.56 -4.88 15.39
CA GLU A 88 10.58 -4.94 13.94
C GLU A 88 9.50 -4.01 13.32
N ILE A 89 8.76 -3.28 14.18
CA ILE A 89 7.63 -2.49 13.66
C ILE A 89 8.02 -1.02 13.79
N ILE A 90 8.28 -0.32 12.67
CA ILE A 90 8.68 1.11 12.79
C ILE A 90 7.52 1.93 12.19
N PHE A 91 7.13 2.97 12.94
CA PHE A 91 6.10 3.86 12.35
C PHE A 91 6.76 4.86 11.42
N THR A 92 6.17 5.09 10.24
CA THR A 92 6.74 6.12 9.34
C THR A 92 5.59 6.97 8.81
N LYS A 93 5.90 7.88 7.84
CA LYS A 93 4.77 8.62 7.28
C LYS A 93 4.02 7.88 6.18
N GLY A 94 4.45 6.67 5.74
CA GLY A 94 3.70 6.07 4.62
C GLY A 94 4.60 5.03 3.97
N THR A 95 4.04 4.26 3.04
CA THR A 95 4.83 3.22 2.36
C THR A 95 6.01 3.90 1.66
N THR A 96 5.76 5.04 1.00
CA THR A 96 6.84 5.69 0.24
C THR A 96 8.04 5.99 1.14
N THR A 97 7.81 6.59 2.33
CA THR A 97 8.94 6.83 3.25
C THR A 97 9.56 5.50 3.72
N SER A 98 8.74 4.48 4.05
CA SER A 98 9.32 3.20 4.47
C SER A 98 10.28 2.64 3.39
N LEU A 99 9.84 2.59 2.11
CA LEU A 99 10.78 2.06 1.09
C LEU A 99 12.04 2.94 0.91
N ASN A 100 11.86 4.24 1.02
CA ASN A 100 13.04 5.13 0.99
C ASN A 100 13.97 4.85 2.16
N MET A 101 13.43 4.50 3.34
CA MET A 101 14.33 4.19 4.44
C MET A 101 15.15 2.94 4.11
N VAL A 102 14.51 1.93 3.54
CA VAL A 102 15.32 0.76 3.18
C VAL A 102 16.36 1.13 2.13
N ALA A 103 15.97 1.89 1.09
CA ALA A 103 16.93 2.27 0.05
C ALA A 103 18.09 3.07 0.64
N LEU A 104 17.84 3.98 1.61
CA LEU A 104 18.91 4.79 2.18
C LEU A 104 19.78 4.00 3.15
N SER A 105 19.17 3.32 4.13
CA SER A 105 19.89 2.71 5.24
C SER A 105 20.39 1.31 4.90
N TYR A 106 19.66 0.57 4.06
CA TYR A 106 20.07 -0.79 3.73
C TYR A 106 20.83 -0.74 2.38
N ALA A 107 20.18 -0.32 1.31
CA ALA A 107 20.76 -0.48 -0.01
C ALA A 107 22.07 0.31 -0.14
N ARG A 108 22.04 1.59 0.22
CA ARG A 108 23.22 2.43 0.06
C ARG A 108 24.41 1.91 0.84
N ALA A 109 24.20 1.04 1.84
CA ALA A 109 25.29 0.58 2.70
C ALA A 109 25.76 -0.80 2.25
N ASN A 110 25.01 -1.46 1.36
CA ASN A 110 25.25 -2.84 1.00
C ASN A 110 25.33 -2.98 -0.53
N LEU A 111 25.49 -1.88 -1.28
CA LEU A 111 25.64 -2.12 -2.73
C LEU A 111 27.05 -1.69 -3.17
N LYS A 112 27.69 -2.45 -4.08
CA LYS A 112 28.97 -2.08 -4.67
C LYS A 112 28.85 -2.25 -6.19
N PRO A 113 29.78 -1.71 -7.02
CA PRO A 113 29.78 -2.08 -8.44
C PRO A 113 29.75 -3.60 -8.60
N GLY A 114 28.93 -4.09 -9.56
CA GLY A 114 28.75 -5.51 -9.72
C GLY A 114 27.42 -6.04 -9.17
N ASP A 115 26.95 -5.43 -8.06
CA ASP A 115 25.71 -5.80 -7.38
C ASP A 115 24.50 -5.37 -8.20
N GLU A 116 23.42 -6.14 -8.04
CA GLU A 116 22.19 -5.86 -8.73
C GLU A 116 21.03 -5.57 -7.76
N VAL A 117 20.14 -4.65 -8.15
CA VAL A 117 18.85 -4.55 -7.48
C VAL A 117 17.83 -4.99 -8.53
N VAL A 118 16.95 -5.95 -8.20
CA VAL A 118 16.01 -6.39 -9.22
C VAL A 118 14.58 -5.97 -8.81
N ILE A 119 13.85 -5.33 -9.72
CA ILE A 119 12.46 -4.89 -9.57
C ILE A 119 11.65 -5.46 -10.74
N THR A 120 10.41 -5.01 -10.97
CA THR A 120 9.56 -5.56 -12.03
C THR A 120 9.01 -4.37 -12.77
N TYR A 121 8.39 -4.61 -13.94
CA TYR A 121 7.92 -3.47 -14.71
C TYR A 121 6.60 -2.95 -14.17
N MET A 122 5.95 -3.73 -13.28
CA MET A 122 4.62 -3.28 -12.85
C MET A 122 4.74 -2.37 -11.60
N GLU A 123 5.96 -2.14 -11.05
CA GLU A 123 6.08 -1.40 -9.77
C GLU A 123 5.50 0.01 -9.80
N HIS A 124 4.94 0.42 -8.64
CA HIS A 124 4.58 1.80 -8.40
C HIS A 124 5.90 2.59 -8.28
N HIS A 125 5.85 3.88 -8.58
CA HIS A 125 7.06 4.71 -8.52
C HIS A 125 7.74 4.67 -7.13
N ALA A 126 6.92 4.49 -6.07
CA ALA A 126 7.54 4.49 -4.71
C ALA A 126 8.54 3.34 -4.65
N ASN A 127 8.29 2.28 -5.43
CA ASN A 127 9.15 1.12 -5.37
C ASN A 127 9.99 1.03 -6.67
N ILE A 128 10.31 2.20 -7.26
CA ILE A 128 11.22 2.34 -8.43
C ILE A 128 12.27 3.40 -8.12
N ILE A 129 11.80 4.62 -7.88
CA ILE A 129 12.71 5.73 -7.85
C ILE A 129 13.70 5.59 -6.71
N PRO A 130 13.38 5.11 -5.47
CA PRO A 130 14.44 5.00 -4.45
C PRO A 130 15.59 4.08 -4.92
N TRP A 131 15.22 3.04 -5.68
CA TRP A 131 16.21 2.06 -6.15
C TRP A 131 17.08 2.66 -7.27
N GLN A 132 16.46 3.40 -8.20
CA GLN A 132 17.19 4.14 -9.23
C GLN A 132 18.25 4.98 -8.53
N GLN A 133 17.88 5.66 -7.42
CA GLN A 133 18.80 6.56 -6.75
C GLN A 133 19.88 5.81 -5.99
N ALA A 134 19.50 4.65 -5.40
CA ALA A 134 20.48 3.96 -4.61
C ALA A 134 21.53 3.31 -5.56
N VAL A 135 21.09 2.82 -6.70
CA VAL A 135 22.08 2.25 -7.61
C VAL A 135 23.02 3.30 -8.23
N LYS A 136 22.50 4.47 -8.61
CA LYS A 136 23.32 5.58 -9.04
C LYS A 136 24.33 5.97 -7.96
N ALA A 137 23.90 6.05 -6.70
CA ALA A 137 24.83 6.44 -5.64
C ALA A 137 25.93 5.40 -5.48
N THR A 138 25.71 4.13 -5.81
CA THR A 138 26.66 3.13 -5.37
C THR A 138 27.41 2.54 -6.59
N GLY A 139 26.98 2.89 -7.81
CA GLY A 139 27.53 2.26 -9.01
C GLY A 139 27.06 0.82 -9.22
N ALA A 140 25.93 0.43 -8.60
CA ALA A 140 25.38 -0.91 -8.82
C ALA A 140 24.48 -0.93 -10.06
N THR A 141 23.82 -2.07 -10.34
CA THR A 141 22.98 -2.11 -11.54
C THR A 141 21.50 -2.34 -11.20
N LEU A 142 20.60 -1.71 -11.94
CA LEU A 142 19.19 -2.01 -11.76
C LEU A 142 18.73 -2.95 -12.89
N LYS A 143 18.00 -4.04 -12.55
CA LYS A 143 17.37 -4.92 -13.52
C LYS A 143 15.86 -5.05 -13.33
N TYR A 144 15.15 -5.38 -14.42
CA TYR A 144 13.72 -5.55 -14.42
C TYR A 144 13.33 -6.99 -14.68
N ILE A 145 12.56 -7.64 -13.79
CA ILE A 145 11.84 -8.87 -14.14
C ILE A 145 10.80 -8.62 -15.21
N PRO A 146 10.82 -9.37 -16.36
CA PRO A 146 9.77 -9.16 -17.37
C PRO A 146 8.41 -9.69 -16.91
N LEU A 147 7.32 -9.24 -17.56
CA LEU A 147 5.98 -9.73 -17.24
C LEU A 147 5.48 -10.71 -18.32
N GLN A 148 4.56 -11.59 -17.95
CA GLN A 148 3.80 -12.40 -18.90
C GLN A 148 2.80 -11.49 -19.60
N GLU A 149 2.22 -11.99 -20.69
CA GLU A 149 1.25 -11.18 -21.41
C GLU A 149 0.01 -10.81 -20.61
N ASP A 150 -0.42 -11.59 -19.60
CA ASP A 150 -1.59 -11.15 -18.83
C ASP A 150 -1.17 -10.22 -17.66
N GLY A 151 0.06 -9.73 -17.65
CA GLY A 151 0.62 -8.94 -16.55
C GLY A 151 0.91 -9.70 -15.23
N THR A 152 1.15 -11.00 -15.23
CA THR A 152 1.66 -11.72 -14.08
C THR A 152 3.15 -11.96 -14.24
N ILE A 153 3.77 -12.48 -13.17
CA ILE A 153 5.20 -12.70 -13.18
C ILE A 153 5.40 -14.20 -13.16
N SER A 154 6.28 -14.68 -14.06
CA SER A 154 6.50 -16.12 -13.89
C SER A 154 7.66 -16.41 -12.97
N LEU A 155 7.60 -17.49 -12.14
CA LEU A 155 8.80 -17.71 -11.35
C LEU A 155 10.05 -18.08 -12.17
N GLU A 156 9.89 -18.58 -13.41
CA GLU A 156 11.10 -18.88 -14.18
C GLU A 156 11.79 -17.59 -14.60
N ASP A 157 11.01 -16.56 -14.94
CA ASP A 157 11.56 -15.23 -15.22
C ASP A 157 12.24 -14.65 -13.97
N VAL A 158 11.70 -14.97 -12.80
CA VAL A 158 12.35 -14.48 -11.58
C VAL A 158 13.73 -15.14 -11.47
N ARG A 159 13.71 -16.46 -11.60
CA ARG A 159 14.94 -17.27 -11.49
C ARG A 159 15.98 -16.80 -12.51
N GLU A 160 15.53 -16.45 -13.71
CA GLU A 160 16.43 -15.94 -14.75
C GLU A 160 17.04 -14.61 -14.35
N THR A 161 16.23 -13.67 -13.80
CA THR A 161 16.69 -12.29 -13.65
C THR A 161 17.58 -12.15 -12.42
N VAL A 162 17.26 -12.93 -11.37
CA VAL A 162 17.95 -12.84 -10.10
C VAL A 162 19.18 -13.74 -10.19
N THR A 163 20.34 -13.19 -9.83
CA THR A 163 21.58 -13.98 -9.97
C THR A 163 22.32 -13.95 -8.66
N SER A 164 23.52 -14.53 -8.67
CA SER A 164 24.27 -14.51 -7.43
C SER A 164 24.90 -13.14 -7.25
N ASN A 165 24.75 -12.21 -8.23
CA ASN A 165 25.14 -10.83 -7.88
C ASN A 165 23.93 -9.97 -7.40
N THR A 166 22.71 -10.52 -7.38
CA THR A 166 21.60 -9.75 -6.79
C THR A 166 21.71 -9.61 -5.26
N LYS A 167 21.52 -8.38 -4.76
CA LYS A 167 21.58 -8.14 -3.32
C LYS A 167 20.16 -7.80 -2.78
N ILE A 168 19.31 -7.30 -3.65
CA ILE A 168 17.94 -6.85 -3.30
C ILE A 168 16.98 -7.19 -4.41
N VAL A 169 15.86 -7.88 -4.05
CA VAL A 169 14.75 -7.96 -4.96
C VAL A 169 13.61 -7.11 -4.32
N ALA A 170 13.01 -6.19 -5.08
CA ALA A 170 11.93 -5.36 -4.52
C ALA A 170 10.69 -5.54 -5.39
N VAL A 171 9.50 -5.82 -4.79
CA VAL A 171 8.38 -6.14 -5.65
C VAL A 171 7.11 -5.82 -4.91
N SER A 172 6.05 -5.43 -5.62
CA SER A 172 4.78 -5.26 -4.95
C SER A 172 4.12 -6.61 -4.63
N HIS A 173 3.43 -6.62 -3.50
CA HIS A 173 2.56 -7.74 -3.16
C HIS A 173 1.40 -7.78 -4.15
N VAL A 174 0.66 -6.65 -4.26
CA VAL A 174 -0.46 -6.53 -5.18
C VAL A 174 -0.21 -5.27 -6.00
N SER A 175 -0.50 -5.36 -7.30
CA SER A 175 -0.32 -4.24 -8.21
C SER A 175 -1.55 -3.34 -8.11
N ASN A 176 -1.37 -2.01 -7.99
CA ASN A 176 -2.45 -1.06 -7.97
C ASN A 176 -2.99 -0.77 -9.37
N VAL A 177 -2.46 -1.40 -10.45
CA VAL A 177 -3.01 -1.20 -11.78
C VAL A 177 -3.58 -2.51 -12.34
N LEU A 178 -2.84 -3.59 -12.18
CA LEU A 178 -3.19 -4.81 -12.91
C LEU A 178 -4.09 -5.58 -11.98
N GLY A 179 -3.97 -5.33 -10.64
CA GLY A 179 -4.72 -6.15 -9.68
C GLY A 179 -4.06 -7.49 -9.39
N THR A 180 -2.91 -7.70 -10.04
CA THR A 180 -2.16 -8.94 -9.88
C THR A 180 -1.73 -9.15 -8.45
N VAL A 181 -1.85 -10.39 -7.95
CA VAL A 181 -1.26 -10.71 -6.67
C VAL A 181 0.04 -11.45 -6.97
N ASN A 182 1.19 -10.92 -6.55
CA ASN A 182 2.47 -11.51 -6.96
C ASN A 182 2.81 -12.66 -6.05
N PRO A 183 3.59 -13.67 -6.55
CA PRO A 183 3.95 -14.81 -5.71
C PRO A 183 5.12 -14.52 -4.78
N ILE A 184 4.89 -13.56 -3.84
CA ILE A 184 5.95 -13.14 -2.94
C ILE A 184 6.65 -14.26 -2.20
N LYS A 185 5.87 -15.16 -1.59
CA LYS A 185 6.52 -16.15 -0.76
C LYS A 185 7.55 -16.97 -1.60
N GLU A 186 7.20 -17.40 -2.81
CA GLU A 186 8.15 -18.15 -3.68
C GLU A 186 9.24 -17.20 -4.18
N MET A 187 8.93 -15.91 -4.42
CA MET A 187 10.01 -15.00 -4.82
C MET A 187 10.99 -14.79 -3.68
N ALA A 188 10.51 -14.89 -2.42
CA ALA A 188 11.44 -14.67 -1.33
C ALA A 188 12.42 -15.85 -1.31
N LYS A 189 11.91 -17.05 -1.57
CA LYS A 189 12.84 -18.19 -1.60
C LYS A 189 13.96 -17.98 -2.65
N ILE A 190 13.55 -17.60 -3.87
CA ILE A 190 14.49 -17.33 -4.96
C ILE A 190 15.49 -16.26 -4.57
N ALA A 191 15.01 -15.15 -3.94
CA ALA A 191 15.98 -14.21 -3.47
C ALA A 191 17.00 -14.80 -2.50
N HIS A 192 16.52 -15.53 -1.48
CA HIS A 192 17.40 -15.96 -0.40
C HIS A 192 18.39 -17.00 -1.00
N ASP A 193 17.92 -17.82 -1.91
CA ASP A 193 18.80 -18.82 -2.56
C ASP A 193 19.96 -18.15 -3.29
N ASN A 194 19.75 -16.92 -3.74
CA ASN A 194 20.79 -16.18 -4.43
C ASN A 194 21.56 -15.29 -3.49
N GLY A 195 21.22 -15.27 -2.19
CA GLY A 195 22.01 -14.42 -1.31
C GLY A 195 21.45 -12.99 -1.23
N ALA A 196 20.24 -12.79 -1.75
CA ALA A 196 19.64 -11.43 -1.71
C ALA A 196 18.63 -11.30 -0.58
N VAL A 197 18.23 -10.05 -0.22
CA VAL A 197 16.99 -9.83 0.55
C VAL A 197 15.83 -9.47 -0.36
N ILE A 198 14.57 -9.63 0.15
CA ILE A 198 13.41 -9.20 -0.65
C ILE A 198 12.69 -8.07 0.13
N VAL A 199 12.29 -7.05 -0.61
CA VAL A 199 11.62 -5.89 -0.01
C VAL A 199 10.24 -5.91 -0.64
N VAL A 200 9.17 -5.96 0.21
CA VAL A 200 7.85 -6.09 -0.34
C VAL A 200 7.04 -4.81 -0.10
N ASP A 201 6.52 -4.26 -1.19
CA ASP A 201 5.62 -3.07 -1.17
C ASP A 201 4.22 -3.62 -0.95
N GLY A 202 3.79 -3.55 0.33
CA GLY A 202 2.51 -4.15 0.68
C GLY A 202 1.42 -3.06 0.73
N ALA A 203 1.54 -1.92 0.07
CA ALA A 203 0.54 -0.84 0.26
C ALA A 203 -0.85 -1.30 -0.18
N GLN A 204 -0.91 -2.14 -1.25
CA GLN A 204 -2.22 -2.48 -1.80
C GLN A 204 -2.68 -3.89 -1.35
N SER A 205 -1.82 -4.65 -0.64
CA SER A 205 -2.26 -5.94 -0.14
C SER A 205 -2.80 -5.84 1.29
N THR A 206 -2.09 -5.10 2.18
CA THR A 206 -2.42 -5.04 3.60
C THR A 206 -3.88 -4.64 3.85
N PRO A 207 -4.51 -3.68 3.12
CA PRO A 207 -5.89 -3.30 3.43
C PRO A 207 -6.93 -4.42 3.15
N HIS A 208 -6.55 -5.42 2.34
CA HIS A 208 -7.52 -6.21 1.58
C HIS A 208 -7.32 -7.72 1.84
N MET A 209 -6.21 -8.14 2.44
CA MET A 209 -6.01 -9.58 2.66
C MET A 209 -5.06 -9.73 3.83
N LYS A 210 -5.15 -10.89 4.51
CA LYS A 210 -4.34 -11.09 5.70
C LYS A 210 -2.88 -11.14 5.27
N ILE A 211 -2.03 -10.54 6.08
CA ILE A 211 -0.59 -10.53 5.87
C ILE A 211 0.04 -11.36 6.99
N ASP A 212 0.96 -12.27 6.63
CA ASP A 212 1.72 -12.97 7.68
C ASP A 212 3.19 -12.97 7.25
N VAL A 213 4.00 -12.06 7.82
CA VAL A 213 5.36 -11.82 7.35
C VAL A 213 6.21 -13.08 7.68
N GLN A 214 5.76 -13.91 8.65
CA GLN A 214 6.59 -15.10 8.98
C GLN A 214 6.36 -16.16 7.89
N ASP A 215 5.12 -16.30 7.39
CA ASP A 215 4.84 -17.17 6.28
C ASP A 215 5.45 -16.67 4.97
N LEU A 216 5.39 -15.35 4.69
CA LEU A 216 5.91 -14.81 3.45
C LEU A 216 7.45 -14.91 3.46
N ASP A 217 8.04 -14.81 4.67
CA ASP A 217 9.49 -14.69 4.91
C ASP A 217 10.07 -13.46 4.16
N CYS A 218 9.31 -12.32 4.07
CA CYS A 218 9.94 -11.15 3.49
C CYS A 218 10.93 -10.55 4.50
N ASP A 219 11.99 -9.94 3.99
CA ASP A 219 12.97 -9.24 4.80
C ASP A 219 12.44 -7.86 5.24
N PHE A 220 11.70 -7.20 4.31
CA PHE A 220 11.16 -5.90 4.68
C PHE A 220 9.76 -5.89 4.06
N PHE A 221 8.82 -5.13 4.70
CA PHE A 221 7.45 -5.10 4.16
C PHE A 221 6.92 -3.69 4.53
N ALA A 222 6.34 -3.00 3.55
CA ALA A 222 5.95 -1.61 3.81
C ALA A 222 4.44 -1.48 3.58
N LEU A 223 3.75 -0.56 4.34
CA LEU A 223 2.28 -0.44 4.19
C LEU A 223 1.90 0.99 4.61
N SER A 224 0.69 1.43 4.11
CA SER A 224 0.21 2.77 4.38
C SER A 224 -1.17 2.71 5.10
N SER A 225 -1.27 3.49 6.18
CA SER A 225 -2.55 3.58 6.94
C SER A 225 -3.71 4.11 6.08
N HIS A 226 -3.40 5.08 5.17
CA HIS A 226 -4.55 5.76 4.57
C HIS A 226 -5.30 4.84 3.62
N1 LLP A 227 2.83 1.11 -3.70
C2 LLP A 227 1.59 0.76 -4.08
C2' LLP A 227 1.36 -0.61 -4.70
C3 LLP A 227 0.51 1.59 -3.79
O3 LLP A 227 -0.73 1.23 -4.14
C4 LLP A 227 0.75 2.83 -3.14
C4' LLP A 227 -0.38 3.67 -2.72
C5 LLP A 227 2.05 3.17 -2.80
C6 LLP A 227 3.06 2.30 -3.08
C5' LLP A 227 2.37 4.56 -2.24
OP4 LLP A 227 1.96 4.64 -0.86
P LLP A 227 1.81 6.12 -0.19
OP1 LLP A 227 0.96 5.83 0.96
OP2 LLP A 227 3.19 6.43 0.25
OP3 LLP A 227 1.27 7.02 -1.24
N LLP A 227 -4.68 3.78 3.13
CA LLP A 227 -5.40 2.87 2.22
CB LLP A 227 -4.33 2.15 1.35
CG LLP A 227 -3.91 3.18 0.26
CD LLP A 227 -2.87 2.67 -0.71
CE LLP A 227 -2.58 3.70 -1.80
NZ LLP A 227 -1.52 3.13 -2.63
C LLP A 227 -6.17 1.77 2.97
O LLP A 227 -6.91 1.03 2.30
N MET A 228 -6.06 1.70 4.30
CA MET A 228 -6.63 0.58 5.10
C MET A 228 -7.54 1.14 6.23
N CYS A 229 -8.37 2.14 5.92
CA CYS A 229 -9.39 2.80 6.74
C CYS A 229 -8.72 3.59 7.87
N GLY A 230 -7.40 3.82 7.73
CA GLY A 230 -6.80 4.60 8.84
C GLY A 230 -6.38 6.03 8.45
N PRO A 231 -5.83 6.82 9.43
CA PRO A 231 -5.60 8.26 9.15
C PRO A 231 -4.50 8.40 8.08
N THR A 232 -4.50 9.59 7.46
CA THR A 232 -3.41 9.91 6.51
C THR A 232 -2.10 10.20 7.30
N GLY A 233 -0.93 10.13 6.55
CA GLY A 233 0.32 10.63 7.17
C GLY A 233 0.99 9.52 7.97
N VAL A 234 0.47 8.27 7.86
CA VAL A 234 1.16 7.27 8.70
C VAL A 234 1.32 5.95 7.98
N GLY A 235 2.44 5.29 8.24
CA GLY A 235 2.62 3.95 7.63
C GLY A 235 3.54 3.14 8.57
N VAL A 236 3.92 1.95 8.03
CA VAL A 236 4.81 1.11 8.82
C VAL A 236 5.90 0.60 7.88
N LEU A 237 7.09 0.44 8.49
CA LEU A 237 8.11 -0.39 7.87
C LEU A 237 8.35 -1.54 8.85
N TYR A 238 8.11 -2.73 8.35
CA TYR A 238 8.55 -3.93 9.05
C TYR A 238 9.93 -4.35 8.45
N GLY A 239 10.85 -4.74 9.34
CA GLY A 239 12.03 -5.41 8.81
C GLY A 239 12.42 -6.50 9.80
N LYS A 240 13.07 -7.58 9.29
CA LYS A 240 13.60 -8.58 10.22
C LYS A 240 14.53 -7.95 11.20
N LYS A 241 14.39 -8.33 12.48
CA LYS A 241 15.17 -7.64 13.47
C LYS A 241 16.70 -7.63 13.18
N ALA A 242 17.24 -8.75 12.68
CA ALA A 242 18.71 -8.84 12.50
C ALA A 242 19.14 -7.87 11.39
N LEU A 243 18.28 -7.63 10.37
CA LEU A 243 18.68 -6.60 9.41
C LEU A 243 18.60 -5.17 9.98
N LEU A 244 17.47 -4.86 10.65
CA LEU A 244 17.35 -3.52 11.28
C LEU A 244 18.48 -3.23 12.26
N GLU A 245 18.89 -4.27 12.98
CA GLU A 245 19.90 -4.00 14.01
C GLU A 245 21.19 -3.46 13.38
N ASN A 246 21.52 -3.90 12.16
CA ASN A 246 22.78 -3.56 11.52
C ASN A 246 22.63 -2.35 10.61
N MET A 247 21.41 -1.85 10.40
CA MET A 247 21.23 -0.67 9.56
C MET A 247 21.38 0.56 10.43
N GLU A 248 21.95 1.65 9.89
CA GLU A 248 22.02 2.92 10.57
C GLU A 248 20.69 3.66 10.39
N PRO A 249 20.33 4.59 11.31
CA PRO A 249 19.13 5.42 11.17
C PRO A 249 19.09 6.21 9.84
N ALA A 250 17.90 6.47 9.29
CA ALA A 250 17.75 7.33 8.13
C ALA A 250 17.64 8.81 8.52
N GLU A 251 17.29 9.12 9.80
CA GLU A 251 17.11 10.51 10.20
C GLU A 251 17.53 10.56 11.66
N PHE A 252 17.90 11.75 12.11
CA PHE A 252 18.58 11.82 13.41
C PHE A 252 17.94 12.91 14.24
N GLY A 253 17.87 12.74 15.58
CA GLY A 253 17.27 13.78 16.40
C GLY A 253 17.04 13.29 17.81
N GLY A 254 16.19 14.04 18.50
CA GLY A 254 15.70 13.62 19.78
C GLY A 254 14.88 12.33 19.61
N GLU A 255 14.79 11.63 20.72
CA GLU A 255 13.94 10.42 20.79
C GLU A 255 14.68 9.18 20.26
N MET A 256 15.57 9.35 19.24
CA MET A 256 16.21 8.15 18.69
C MET A 256 17.66 7.98 19.25
N ILE A 257 18.06 8.88 20.10
CA ILE A 257 19.39 8.82 20.77
C ILE A 257 19.32 8.26 22.18
N ASP A 258 20.47 7.74 22.61
CA ASP A 258 20.76 7.37 23.98
C ASP A 258 21.70 8.43 24.58
N PHE A 259 22.88 8.65 24.01
CA PHE A 259 23.78 9.63 24.59
C PHE A 259 24.18 10.58 23.46
N VAL A 260 24.19 11.89 23.76
CA VAL A 260 24.60 12.89 22.80
C VAL A 260 25.82 13.60 23.38
N GLY A 261 26.99 13.43 22.74
CA GLY A 261 28.16 14.30 23.05
C GLY A 261 28.22 15.47 22.05
N LEU A 262 29.25 16.34 22.15
CA LEU A 262 29.35 17.45 21.20
C LEU A 262 29.48 16.98 19.76
N TYR A 263 30.20 15.89 19.51
CA TYR A 263 30.50 15.46 18.14
C TYR A 263 29.94 14.08 17.80
N GLU A 264 29.61 13.26 18.82
CA GLU A 264 29.24 11.86 18.56
C GLU A 264 28.03 11.50 19.43
N SER A 265 27.17 10.60 18.92
CA SER A 265 25.98 10.22 19.68
C SER A 265 25.79 8.71 19.53
N THR A 266 25.10 8.06 20.49
CA THR A 266 24.76 6.66 20.28
C THR A 266 23.21 6.57 20.19
N TRP A 267 22.74 5.42 19.67
CA TRP A 267 21.32 5.35 19.26
C TRP A 267 20.55 4.55 20.31
N LYS A 268 19.24 4.76 20.33
CA LYS A 268 18.36 3.88 21.06
C LYS A 268 18.34 2.48 20.41
N GLU A 269 17.82 1.51 21.15
CA GLU A 269 17.53 0.17 20.62
C GLU A 269 16.34 0.30 19.63
N LEU A 270 16.04 -0.79 18.94
CA LEU A 270 14.86 -0.80 18.04
C LEU A 270 13.62 -0.92 18.92
N PRO A 271 12.46 -0.40 18.46
CA PRO A 271 12.34 0.23 17.14
C PRO A 271 12.73 1.71 17.14
N TRP A 272 12.90 2.32 18.32
CA TRP A 272 12.97 3.77 18.44
C TRP A 272 14.22 4.36 17.74
N LYS A 273 15.27 3.56 17.52
CA LYS A 273 16.39 3.97 16.68
C LYS A 273 15.93 4.62 15.36
N PHE A 274 14.81 4.11 14.77
CA PHE A 274 14.32 4.61 13.48
C PHE A 274 13.17 5.61 13.62
N GLU A 275 12.91 6.19 14.82
CA GLU A 275 11.77 7.12 14.92
C GLU A 275 12.34 8.40 15.56
N ALA A 276 12.77 9.34 14.71
CA ALA A 276 13.41 10.54 15.26
C ALA A 276 12.30 11.62 15.45
N GLY A 277 12.39 12.37 16.53
CA GLY A 277 11.48 13.50 16.76
C GLY A 277 10.14 13.03 17.35
N THR A 278 9.27 13.98 17.66
CA THR A 278 7.98 13.63 18.29
C THR A 278 7.20 12.82 17.23
N PRO A 279 6.69 11.65 17.61
CA PRO A 279 6.11 10.74 16.62
C PRO A 279 4.72 11.14 16.15
N ILE A 280 4.16 10.27 15.27
CA ILE A 280 2.85 10.60 14.65
C ILE A 280 1.82 10.02 15.65
N ILE A 281 1.59 10.76 16.77
CA ILE A 281 1.03 10.01 17.92
C ILE A 281 -0.43 9.66 17.55
N ALA A 282 -1.23 10.71 17.21
CA ALA A 282 -2.67 10.47 16.99
C ALA A 282 -2.86 9.50 15.84
N GLY A 283 -2.14 9.76 14.71
CA GLY A 283 -2.30 8.91 13.54
C GLY A 283 -2.02 7.43 13.83
N ALA A 284 -0.95 7.15 14.58
CA ALA A 284 -0.62 5.75 14.81
C ALA A 284 -1.69 5.11 15.76
N ILE A 285 -2.23 5.91 16.68
CA ILE A 285 -3.31 5.32 17.53
C ILE A 285 -4.54 5.08 16.67
N GLY A 286 -4.85 6.01 15.73
CA GLY A 286 -5.98 5.77 14.79
C GLY A 286 -5.70 4.57 13.88
N LEU A 287 -4.44 4.36 13.44
CA LEU A 287 -4.20 3.15 12.64
C LEU A 287 -4.40 1.87 13.49
N GLY A 288 -4.04 1.91 14.76
CA GLY A 288 -4.41 0.75 15.61
C GLY A 288 -5.94 0.53 15.65
N ALA A 289 -6.73 1.61 15.75
CA ALA A 289 -8.18 1.52 15.69
C ALA A 289 -8.66 0.95 14.34
N ALA A 290 -8.02 1.35 13.23
CA ALA A 290 -8.42 0.76 11.96
C ALA A 290 -8.17 -0.74 11.96
N ILE A 291 -7.01 -1.15 12.45
CA ILE A 291 -6.73 -2.58 12.55
C ILE A 291 -7.79 -3.27 13.42
N ASP A 292 -8.15 -2.69 14.55
CA ASP A 292 -9.21 -3.36 15.34
C ASP A 292 -10.52 -3.53 14.56
N PHE A 293 -10.87 -2.49 13.80
CA PHE A 293 -12.09 -2.46 13.02
C PHE A 293 -12.04 -3.54 11.94
N LEU A 294 -10.88 -3.62 11.23
CA LEU A 294 -10.81 -4.58 10.13
C LEU A 294 -10.79 -6.01 10.72
N GLU A 295 -10.11 -6.18 11.84
CA GLU A 295 -9.98 -7.53 12.44
C GLU A 295 -11.33 -8.02 12.94
N GLU A 296 -12.17 -7.09 13.40
CA GLU A 296 -13.53 -7.40 13.87
C GLU A 296 -14.39 -7.90 12.71
N ILE A 297 -14.29 -7.26 11.54
CA ILE A 297 -14.98 -7.75 10.34
C ILE A 297 -14.36 -9.09 9.89
N GLY A 298 -13.04 -9.14 9.84
CA GLY A 298 -12.29 -10.36 9.42
C GLY A 298 -11.66 -10.11 8.07
N LEU A 299 -10.31 -10.17 7.94
CA LEU A 299 -9.67 -9.87 6.64
C LEU A 299 -10.07 -10.92 5.59
N ASP A 300 -10.26 -12.18 6.04
CA ASP A 300 -10.66 -13.19 5.03
C ASP A 300 -12.06 -12.87 4.51
N GLU A 301 -12.97 -12.37 5.36
CA GLU A 301 -14.27 -11.93 4.90
C GLU A 301 -14.18 -10.77 3.90
N ILE A 302 -13.34 -9.76 4.21
CA ILE A 302 -13.20 -8.64 3.27
C ILE A 302 -12.55 -9.16 1.97
N SER A 303 -11.56 -10.10 2.05
CA SER A 303 -10.98 -10.58 0.78
C SER A 303 -12.09 -11.34 0.00
N ARG A 304 -12.94 -12.10 0.72
CA ARG A 304 -13.97 -12.86 -0.07
C ARG A 304 -14.97 -11.89 -0.72
N HIS A 305 -15.33 -10.79 -0.03
CA HIS A 305 -16.21 -9.78 -0.63
C HIS A 305 -15.55 -9.16 -1.87
N GLU A 306 -14.28 -8.75 -1.79
CA GLU A 306 -13.61 -8.15 -2.94
C GLU A 306 -13.49 -9.16 -4.11
N HIS A 307 -13.22 -10.43 -3.79
CA HIS A 307 -13.18 -11.44 -4.86
C HIS A 307 -14.55 -11.43 -5.58
N LYS A 308 -15.65 -11.47 -4.84
CA LYS A 308 -16.97 -11.43 -5.46
C LYS A 308 -17.12 -10.19 -6.31
N LEU A 309 -16.75 -8.98 -5.76
CA LEU A 309 -16.97 -7.77 -6.53
C LEU A 309 -16.06 -7.79 -7.78
N ALA A 310 -14.81 -8.30 -7.65
CA ALA A 310 -13.95 -8.24 -8.83
C ALA A 310 -14.47 -9.25 -9.92
N ALA A 311 -14.95 -10.41 -9.51
CA ALA A 311 -15.47 -11.37 -10.49
C ALA A 311 -16.69 -10.78 -11.19
N TYR A 312 -17.55 -10.08 -10.42
CA TYR A 312 -18.74 -9.46 -10.98
C TYR A 312 -18.38 -8.35 -11.95
N ALA A 313 -17.42 -7.48 -11.54
CA ALA A 313 -16.99 -6.40 -12.41
C ALA A 313 -16.41 -6.95 -13.72
N LEU A 314 -15.49 -7.93 -13.65
CA LEU A 314 -14.84 -8.39 -14.89
C LEU A 314 -15.91 -8.94 -15.85
N GLU A 315 -16.91 -9.62 -15.26
CA GLU A 315 -17.98 -10.19 -16.09
C GLU A 315 -18.81 -9.07 -16.74
N ARG A 316 -19.21 -8.07 -15.93
CA ARG A 316 -20.03 -7.00 -16.48
C ARG A 316 -19.24 -6.12 -17.47
N PHE A 317 -17.91 -5.98 -17.27
CA PHE A 317 -17.08 -5.23 -18.24
C PHE A 317 -17.02 -5.99 -19.59
N ARG A 318 -17.00 -7.34 -19.54
CA ARG A 318 -16.98 -8.15 -20.77
C ARG A 318 -18.25 -7.97 -21.56
N GLN A 319 -19.31 -7.44 -20.93
CA GLN A 319 -20.61 -7.23 -21.56
C GLN A 319 -20.57 -5.96 -22.37
N LEU A 320 -19.58 -5.12 -22.09
CA LEU A 320 -19.52 -3.83 -22.80
C LEU A 320 -18.70 -4.00 -24.06
N ASP A 321 -19.21 -3.41 -25.15
CA ASP A 321 -18.41 -3.38 -26.36
C ASP A 321 -17.38 -2.25 -26.32
N GLY A 322 -16.16 -2.49 -26.85
CA GLY A 322 -15.24 -1.36 -27.04
C GLY A 322 -14.53 -0.97 -25.72
N VAL A 323 -14.36 -1.91 -24.81
CA VAL A 323 -13.77 -1.62 -23.49
C VAL A 323 -12.64 -2.61 -23.32
N THR A 324 -11.40 -2.19 -23.02
CA THR A 324 -10.28 -3.11 -22.78
C THR A 324 -9.95 -3.08 -21.28
N VAL A 325 -9.84 -4.25 -20.66
CA VAL A 325 -9.43 -4.41 -19.25
C VAL A 325 -8.01 -4.97 -19.26
N TYR A 326 -7.09 -4.42 -18.40
CA TYR A 326 -5.71 -4.86 -18.34
C TYR A 326 -5.49 -5.77 -17.14
N GLY A 327 -4.63 -6.80 -17.35
CA GLY A 327 -4.21 -7.71 -16.31
C GLY A 327 -5.00 -9.02 -16.24
N PRO A 328 -4.80 -9.85 -15.19
CA PRO A 328 -5.28 -11.22 -15.19
C PRO A 328 -6.67 -11.40 -14.64
N GLU A 329 -7.20 -12.63 -14.78
CA GLU A 329 -8.56 -12.89 -14.34
C GLU A 329 -8.55 -13.00 -12.83
N GLU A 330 -7.55 -13.63 -12.26
CA GLU A 330 -7.51 -13.75 -10.82
C GLU A 330 -6.84 -12.51 -10.22
N ARG A 331 -7.54 -11.78 -9.33
CA ARG A 331 -6.96 -10.47 -9.05
C ARG A 331 -7.56 -9.94 -7.75
N ALA A 332 -6.97 -8.83 -7.28
CA ALA A 332 -7.49 -8.02 -6.18
C ALA A 332 -8.67 -7.20 -6.68
N GLY A 333 -9.26 -6.36 -5.79
CA GLY A 333 -10.57 -5.72 -6.07
C GLY A 333 -10.41 -4.38 -6.79
N LEU A 334 -10.00 -4.45 -8.09
CA LEU A 334 -9.85 -3.26 -8.93
C LEU A 334 -9.82 -3.64 -10.41
N VAL A 335 -10.24 -2.69 -11.25
CA VAL A 335 -10.26 -2.95 -12.69
C VAL A 335 -9.70 -1.70 -13.34
N THR A 336 -8.58 -1.85 -14.04
CA THR A 336 -8.06 -0.72 -14.83
C THR A 336 -8.40 -0.96 -16.30
N PHE A 337 -8.83 0.09 -17.03
CA PHE A 337 -9.48 -0.21 -18.32
C PHE A 337 -9.31 1.03 -19.21
N ASN A 338 -9.69 0.90 -20.51
CA ASN A 338 -9.90 2.09 -21.33
C ASN A 338 -11.13 1.83 -22.19
N LEU A 339 -11.85 2.91 -22.53
CA LEU A 339 -12.89 2.83 -23.58
C LEU A 339 -12.23 3.13 -24.92
N ASP A 340 -12.51 2.30 -25.94
CA ASP A 340 -11.93 2.56 -27.26
C ASP A 340 -12.23 3.99 -27.69
N ASP A 341 -11.24 4.72 -28.16
CA ASP A 341 -11.53 6.07 -28.65
C ASP A 341 -12.12 7.02 -27.61
N VAL A 342 -12.08 6.75 -26.29
CA VAL A 342 -12.36 7.85 -25.39
C VAL A 342 -11.16 8.01 -24.47
N HIS A 343 -10.68 9.25 -24.29
CA HIS A 343 -9.57 9.48 -23.37
C HIS A 343 -10.02 9.14 -21.93
N PRO A 344 -9.20 8.42 -21.12
CA PRO A 344 -9.65 8.04 -19.77
C PRO A 344 -9.98 9.25 -18.89
N HIS A 345 -9.29 10.39 -19.09
CA HIS A 345 -9.64 11.57 -18.33
C HIS A 345 -11.08 12.03 -18.59
N ASP A 346 -11.50 12.01 -19.86
CA ASP A 346 -12.88 12.36 -20.17
C ASP A 346 -13.86 11.31 -19.62
N VAL A 347 -13.48 10.03 -19.64
CA VAL A 347 -14.29 9.00 -18.98
C VAL A 347 -14.48 9.38 -17.48
N ALA A 348 -13.40 9.70 -16.77
CA ALA A 348 -13.50 9.97 -15.35
C ALA A 348 -14.32 11.24 -15.12
N THR A 349 -14.19 12.25 -16.02
CA THR A 349 -14.96 13.49 -15.85
C THR A 349 -16.47 13.22 -16.00
N VAL A 350 -16.84 12.51 -17.06
CA VAL A 350 -18.23 12.17 -17.25
C VAL A 350 -18.76 11.34 -16.10
N LEU A 351 -17.97 10.35 -15.62
CA LEU A 351 -18.50 9.55 -14.51
C LEU A 351 -18.72 10.41 -13.23
N ASP A 352 -17.83 11.39 -13.00
CA ASP A 352 -18.01 12.24 -11.82
C ASP A 352 -19.30 13.05 -11.91
N ALA A 353 -19.74 13.39 -13.15
CA ALA A 353 -21.04 14.07 -13.29
C ALA A 353 -22.18 13.13 -12.90
N GLU A 354 -21.98 11.79 -12.95
CA GLU A 354 -23.02 10.88 -12.51
C GLU A 354 -22.77 10.43 -11.04
N GLY A 355 -21.90 11.10 -10.32
CA GLY A 355 -21.72 10.78 -8.91
C GLY A 355 -20.53 9.83 -8.68
N ILE A 356 -19.92 9.32 -9.76
CA ILE A 356 -19.04 8.16 -9.63
C ILE A 356 -17.60 8.64 -9.61
N ALA A 357 -16.84 8.22 -8.55
CA ALA A 357 -15.45 8.65 -8.42
C ALA A 357 -14.51 7.51 -8.87
N VAL A 358 -13.74 7.70 -9.96
CA VAL A 358 -12.72 6.74 -10.33
C VAL A 358 -11.46 7.54 -10.62
N ARG A 359 -10.36 6.86 -10.95
CA ARG A 359 -9.07 7.55 -11.20
C ARG A 359 -8.75 7.45 -12.70
N ALA A 360 -8.12 8.48 -13.33
CA ALA A 360 -7.61 8.36 -14.70
C ALA A 360 -6.16 8.90 -14.72
N GLY A 361 -5.23 8.30 -15.48
CA GLY A 361 -3.84 8.78 -15.50
C GLY A 361 -2.91 7.56 -15.63
N HIS A 362 -1.73 7.66 -14.99
CA HIS A 362 -0.68 6.62 -15.07
C HIS A 362 -0.65 5.80 -13.78
N HIS A 363 -1.41 6.27 -12.75
CA HIS A 363 -1.44 5.52 -11.47
C HIS A 363 -0.05 5.31 -10.92
N CYS A 364 0.84 6.34 -11.02
CA CYS A 364 2.20 6.26 -10.49
C CYS A 364 2.91 5.00 -11.04
N ALA A 365 2.57 4.59 -12.29
CA ALA A 365 3.24 3.43 -12.90
C ALA A 365 3.55 3.70 -14.38
N GLN A 366 4.43 4.72 -14.63
CA GLN A 366 4.76 5.10 -16.01
C GLN A 366 5.39 3.97 -16.83
N PRO A 367 6.41 3.24 -16.28
CA PRO A 367 6.99 2.09 -16.99
C PRO A 367 5.91 1.06 -17.32
N LEU A 368 4.92 0.86 -16.43
CA LEU A 368 3.89 -0.13 -16.74
C LEU A 368 2.99 0.36 -17.89
N MET A 369 2.65 1.65 -17.89
CA MET A 369 1.80 2.18 -18.96
C MET A 369 2.52 1.98 -20.30
N LYS A 370 3.84 2.21 -20.31
CA LYS A 370 4.68 2.02 -21.50
C LYS A 370 4.66 0.55 -21.95
N TRP A 371 4.86 -0.38 -20.99
CA TRP A 371 4.67 -1.81 -21.24
C TRP A 371 3.29 -2.13 -21.81
N LEU A 372 2.22 -1.48 -21.31
CA LEU A 372 0.86 -1.76 -21.77
C LEU A 372 0.64 -1.08 -23.13
N ASP A 373 1.63 -0.31 -23.62
CA ASP A 373 1.50 0.48 -24.85
C ASP A 373 0.33 1.46 -24.75
N VAL A 374 0.10 2.15 -23.60
CA VAL A 374 -0.93 3.19 -23.51
C VAL A 374 -0.32 4.40 -22.81
N THR A 375 -0.92 5.60 -22.96
CA THR A 375 -0.36 6.74 -22.25
C THR A 375 -1.07 6.94 -20.91
N ALA A 376 -2.29 6.39 -20.77
CA ALA A 376 -3.08 6.56 -19.54
C ALA A 376 -4.22 5.54 -19.55
N THR A 377 -4.87 5.32 -18.39
CA THR A 377 -5.95 4.35 -18.26
C THR A 377 -6.89 4.93 -17.21
N ALA A 378 -8.05 4.32 -17.06
CA ALA A 378 -9.01 4.65 -16.00
C ALA A 378 -9.01 3.45 -15.04
N ARG A 379 -9.31 3.70 -13.75
CA ARG A 379 -9.31 2.61 -12.79
C ARG A 379 -10.45 2.76 -11.79
N ALA A 380 -11.29 1.74 -11.69
CA ALA A 380 -12.29 1.64 -10.61
C ALA A 380 -11.77 0.61 -9.59
N SER A 381 -11.79 0.99 -8.30
CA SER A 381 -11.26 0.07 -7.30
C SER A 381 -12.30 -0.07 -6.19
N PHE A 382 -12.25 -1.18 -5.44
CA PHE A 382 -13.35 -1.54 -4.57
C PHE A 382 -12.85 -1.80 -3.15
N TYR A 383 -13.74 -1.65 -2.15
CA TYR A 383 -13.29 -2.00 -0.81
C TYR A 383 -14.51 -2.50 -0.07
N LEU A 384 -14.41 -2.63 1.26
CA LEU A 384 -15.37 -3.37 2.05
C LEU A 384 -16.72 -2.70 2.08
N TYR A 385 -16.78 -1.41 1.69
CA TYR A 385 -18.06 -0.72 1.72
C TYR A 385 -18.71 -0.64 0.33
N ASN A 386 -18.11 -1.29 -0.69
CA ASN A 386 -18.72 -1.17 -2.03
C ASN A 386 -19.61 -2.38 -2.34
N THR A 387 -20.54 -2.13 -3.32
CA THR A 387 -21.58 -3.15 -3.58
C THR A 387 -21.68 -3.41 -5.09
N GLU A 388 -22.37 -4.53 -5.44
CA GLU A 388 -22.58 -4.86 -6.82
C GLU A 388 -23.49 -3.84 -7.49
N GLU A 389 -24.42 -3.26 -6.73
CA GLU A 389 -25.24 -2.21 -7.31
C GLU A 389 -24.37 -1.02 -7.77
N GLU A 390 -23.34 -0.67 -6.96
CA GLU A 390 -22.45 0.38 -7.46
C GLU A 390 -21.69 0.00 -8.72
N ILE A 391 -21.30 -1.29 -8.84
CA ILE A 391 -20.69 -1.77 -10.08
C ILE A 391 -21.72 -1.67 -11.24
N ASP A 392 -22.98 -2.02 -10.98
CA ASP A 392 -23.97 -1.79 -12.07
C ASP A 392 -24.01 -0.32 -12.52
N LYS A 393 -24.00 0.62 -11.55
CA LYS A 393 -24.00 2.01 -11.93
C LYS A 393 -22.78 2.39 -12.76
N LEU A 394 -21.59 1.87 -12.46
CA LEU A 394 -20.39 2.17 -13.22
C LEU A 394 -20.59 1.62 -14.65
N VAL A 395 -21.02 0.37 -14.80
CA VAL A 395 -21.05 -0.20 -16.16
C VAL A 395 -22.16 0.48 -16.97
N GLU A 396 -23.24 0.85 -16.30
CA GLU A 396 -24.28 1.60 -17.03
C GLU A 396 -23.76 2.97 -17.47
N ALA A 397 -22.95 3.64 -16.63
CA ALA A 397 -22.39 4.92 -16.99
C ALA A 397 -21.35 4.76 -18.12
N LEU A 398 -20.57 3.66 -18.14
CA LEU A 398 -19.61 3.58 -19.21
C LEU A 398 -20.40 3.39 -20.52
N GLN A 399 -21.50 2.65 -20.44
CA GLN A 399 -22.32 2.40 -21.65
C GLN A 399 -22.83 3.75 -22.18
N LYS A 400 -23.41 4.54 -21.30
CA LYS A 400 -23.87 5.88 -21.67
C LYS A 400 -22.73 6.79 -22.16
N THR A 401 -21.52 6.67 -21.59
CA THR A 401 -20.39 7.49 -22.02
C THR A 401 -20.01 7.11 -23.46
N LYS A 402 -19.94 5.80 -23.72
CA LYS A 402 -19.70 5.22 -25.03
C LYS A 402 -20.70 5.80 -26.04
N GLU A 403 -21.99 5.74 -25.73
CA GLU A 403 -23.02 6.25 -26.64
C GLU A 403 -22.90 7.75 -26.84
N TYR A 404 -22.58 8.47 -25.77
CA TYR A 404 -22.50 9.92 -25.81
C TYR A 404 -21.38 10.41 -26.73
N PHE A 405 -20.15 9.89 -26.53
CA PHE A 405 -19.04 10.29 -27.40
C PHE A 405 -19.27 9.73 -28.81
N THR A 406 -20.17 8.76 -28.98
CA THR A 406 -20.49 8.24 -30.30
C THR A 406 -21.33 9.26 -31.05
N ASN A 407 -22.40 9.72 -30.41
CA ASN A 407 -23.27 10.77 -30.92
C ASN A 407 -22.44 12.01 -31.20
N VAL A 408 -21.61 12.43 -30.22
CA VAL A 408 -20.61 13.44 -30.49
C VAL A 408 -19.66 12.85 -31.54
C1 EDO B . -13.36 15.74 28.50
O1 EDO B . -13.29 15.74 27.11
C2 EDO B . -12.10 15.23 29.04
O2 EDO B . -12.20 13.92 29.61
C1 PGE C . 12.74 9.37 24.47
O1 PGE C . 13.93 9.12 25.23
C2 PGE C . 12.47 8.27 23.47
O2 PGE C . 12.13 7.11 24.21
C3 PGE C . 11.68 6.01 23.42
C4 PGE C . 12.58 4.83 23.78
O4 PGE C . 15.09 3.18 26.29
C6 PGE C . 13.73 3.30 26.53
C5 PGE C . 12.95 3.05 25.30
O3 PGE C . 12.15 4.19 24.96
C1 PEG D . -26.27 -1.72 1.16
O1 PEG D . -26.38 -2.76 0.18
C2 PEG D . -26.59 -0.35 0.61
O2 PEG D . -25.89 -0.16 -0.62
C3 PEG D . -26.04 1.15 -1.17
C4 PEG D . -25.12 1.28 -2.37
O4 PEG D . -25.26 0.17 -3.29
C1 PEG E . -2.62 10.13 -12.24
O1 PEG E . -3.08 8.82 -11.87
C2 PEG E . -1.31 10.08 -12.96
O2 PEG E . -0.41 9.41 -12.08
C3 PEG E . 0.87 10.06 -11.98
C4 PEG E . 1.94 9.15 -12.46
O4 PEG E . 2.63 9.66 -13.58
#